data_7YC3
#
_entry.id   7YC3
#
_cell.length_a   42.333
_cell.length_b   61.038
_cell.length_c   60.516
_cell.angle_alpha   90.000
_cell.angle_beta   98.010
_cell.angle_gamma   90.000
#
_symmetry.space_group_name_H-M   'P 1 21 1'
#
loop_
_entity.id
_entity.type
_entity.pdbx_description
1 polymer 'Fibroblast growth factor receptor 4'
2 non-polymer 6-bromanyl-~{N}-[5-cyano-4-(2-methoxyethylamino)pyridin-2-yl]-5-methanoyl-1-(2-morpholin-4-ylethyl)pyrrolo[3,2-b]pyridine-3-carboxamide
3 non-polymer 'SULFATE ION'
4 non-polymer GLYCEROL
5 water water
#
_entity_poly.entity_id   1
_entity_poly.type   'polypeptide(L)'
_entity_poly.pdbx_seq_one_letter_code
;GPLLAGLVSLDLPLDPLWEFPRDRLVLGKPLGEGCFGQVVRAEAFGMDPARPDQASTVAVKMLKDNASDKDLADLVSEME
VMKLIGRHKNIINLLGVCTQEGPLYVIVECAAKGNLREFLRARRPPGPDLSPDGPRSSEGPLSFPVLVSCAYQVARGMQY
LESRKCIHRDLAARNVLVTEDNVMKIADFGLARGVHHIDYYKKTSNGRLPVKWMAPEALFDEVYTHQSDVWSFGILLWEI
FTLGGSPYPGIPVEELFSLLREGHRMDRPPHCPPELYGLMRECWHAAPSQRPTFKQLVEALDKVLLAVSEE
;
_entity_poly.pdbx_strand_id   A
#
# COMPACT_ATOMS: atom_id res chain seq x y z
N ASP A 11 -26.17 -16.69 -1.39
CA ASP A 11 -26.66 -15.91 -2.54
C ASP A 11 -25.79 -16.09 -3.81
N LEU A 12 -24.52 -15.67 -3.71
CA LEU A 12 -23.43 -15.98 -4.64
C LEU A 12 -23.20 -17.48 -4.80
N PRO A 13 -22.55 -17.89 -5.90
CA PRO A 13 -22.35 -19.33 -6.08
C PRO A 13 -21.18 -19.82 -5.23
N LEU A 14 -21.17 -21.10 -4.87
CA LEU A 14 -20.11 -21.68 -4.04
C LEU A 14 -18.87 -21.97 -4.86
N ASP A 15 -17.73 -21.42 -4.44
CA ASP A 15 -16.45 -21.76 -5.06
C ASP A 15 -15.65 -22.57 -4.04
N PRO A 16 -15.64 -23.90 -4.19
CA PRO A 16 -15.00 -24.73 -3.17
C PRO A 16 -13.49 -24.48 -3.05
N LEU A 17 -12.87 -23.95 -4.10
CA LEU A 17 -11.44 -23.63 -4.08
C LEU A 17 -11.13 -22.65 -2.93
N TRP A 18 -12.02 -21.69 -2.74
CA TRP A 18 -11.74 -20.60 -1.83
C TRP A 18 -12.61 -20.52 -0.59
N GLU A 19 -13.79 -21.14 -0.64
CA GLU A 19 -14.76 -21.04 0.44
C GLU A 19 -14.22 -21.59 1.76
N PHE A 20 -14.37 -20.80 2.82
CA PHE A 20 -13.92 -21.16 4.17
C PHE A 20 -15.14 -21.10 5.13
N PRO A 21 -15.30 -22.12 5.99
CA PRO A 21 -16.51 -22.10 6.85
C PRO A 21 -16.50 -20.90 7.81
N ARG A 22 -17.59 -20.14 7.86
CA ARG A 22 -17.53 -18.89 8.60
C ARG A 22 -17.47 -19.10 10.10
N ASP A 23 -17.95 -20.27 10.55
CA ASP A 23 -17.90 -20.60 11.95
C ASP A 23 -16.48 -20.91 12.42
N ARG A 24 -15.53 -20.95 11.49
CA ARG A 24 -14.11 -21.09 11.84
C ARG A 24 -13.40 -19.75 12.03
N LEU A 25 -14.19 -18.66 11.97
CA LEU A 25 -13.68 -17.30 12.19
C LEU A 25 -14.18 -16.75 13.51
N VAL A 26 -13.32 -16.11 14.26
CA VAL A 26 -13.79 -15.37 15.43
C VAL A 26 -13.40 -13.93 15.17
N LEU A 27 -14.37 -13.02 14.98
CA LEU A 27 -14.09 -11.64 14.57
C LEU A 27 -13.62 -10.81 15.76
N GLY A 28 -12.63 -9.94 15.56
CA GLY A 28 -12.04 -9.20 16.67
C GLY A 28 -12.15 -7.71 16.37
N LYS A 29 -11.12 -6.93 16.71
CA LYS A 29 -11.20 -5.47 16.60
C LYS A 29 -11.15 -4.99 15.16
N PRO A 30 -11.98 -3.99 14.82
CA PRO A 30 -11.91 -3.37 13.51
C PRO A 30 -10.52 -2.80 13.22
N LEU A 31 -10.09 -2.93 11.98
CA LEU A 31 -8.76 -2.47 11.59
C LEU A 31 -8.84 -1.15 10.85
N GLY A 32 -10.03 -0.82 10.34
CA GLY A 32 -10.20 0.37 9.54
C GLY A 32 -11.39 0.30 8.61
N GLU A 33 -11.76 1.46 8.05
CA GLU A 33 -12.92 1.58 7.14
C GLU A 33 -12.48 2.23 5.84
N GLY A 34 -12.92 1.65 4.72
CA GLY A 34 -12.60 2.16 3.38
C GLY A 34 -13.78 2.86 2.73
N CYS A 35 -13.64 3.14 1.43
CA CYS A 35 -14.73 3.78 0.66
C CYS A 35 -15.87 2.78 0.58
N PHE A 36 -15.51 1.51 0.38
CA PHE A 36 -16.50 0.41 0.44
C PHE A 36 -15.94 -0.64 1.41
N GLY A 37 -16.71 -0.88 2.46
CA GLY A 37 -16.41 -1.92 3.44
C GLY A 37 -15.45 -1.52 4.53
N GLN A 38 -15.32 -2.41 5.49
CA GLN A 38 -14.44 -2.25 6.61
C GLN A 38 -13.53 -3.49 6.69
N VAL A 39 -12.50 -3.39 7.49
CA VAL A 39 -11.60 -4.54 7.69
C VAL A 39 -11.53 -4.84 9.16
N VAL A 40 -11.68 -6.10 9.50
CA VAL A 40 -11.65 -6.47 10.93
C VAL A 40 -10.59 -7.54 11.15
N ARG A 41 -9.88 -7.43 12.26
CA ARG A 41 -8.89 -8.44 12.69
C ARG A 41 -9.68 -9.69 13.10
N ALA A 42 -9.15 -10.87 12.86
CA ALA A 42 -9.89 -12.09 13.24
C ALA A 42 -8.96 -13.27 13.47
N GLU A 43 -9.43 -14.24 14.22
CA GLU A 43 -8.73 -15.50 14.43
C GLU A 43 -9.41 -16.54 13.52
N ALA A 44 -8.64 -17.33 12.78
CA ALA A 44 -9.16 -18.42 11.95
C ALA A 44 -8.63 -19.76 12.49
N PHE A 45 -9.45 -20.81 12.45
CA PHE A 45 -9.03 -22.13 12.88
C PHE A 45 -9.02 -23.06 11.69
N GLY A 46 -7.89 -23.69 11.41
CA GLY A 46 -7.83 -24.60 10.26
C GLY A 46 -7.77 -23.94 8.89
N MET A 47 -7.15 -22.75 8.80
CA MET A 47 -7.00 -22.12 7.48
C MET A 47 -6.20 -23.07 6.60
N ASP A 48 -5.25 -23.74 7.22
CA ASP A 48 -4.57 -24.88 6.60
C ASP A 48 -5.39 -26.14 6.91
N PRO A 49 -5.92 -26.80 5.88
CA PRO A 49 -6.80 -27.95 6.10
C PRO A 49 -6.07 -29.13 6.72
N ALA A 50 -4.74 -29.08 6.67
CA ALA A 50 -3.93 -30.16 7.23
C ALA A 50 -3.88 -30.05 8.73
N ARG A 51 -4.15 -28.86 9.24
CA ARG A 51 -4.04 -28.53 10.67
C ARG A 51 -5.39 -27.92 11.13
N PRO A 52 -6.48 -28.71 11.08
CA PRO A 52 -7.86 -28.17 11.24
C PRO A 52 -8.10 -27.34 12.51
N ASP A 53 -7.36 -27.61 13.57
CA ASP A 53 -7.58 -26.91 14.83
C ASP A 53 -6.55 -25.81 15.10
N GLN A 54 -5.68 -25.56 14.12
CA GLN A 54 -4.64 -24.55 14.31
C GLN A 54 -5.20 -23.13 14.18
N ALA A 55 -4.87 -22.27 15.13
CA ALA A 55 -5.28 -20.88 15.07
C ALA A 55 -4.31 -20.05 14.23
N SER A 56 -4.84 -19.06 13.53
CA SER A 56 -4.02 -18.06 12.86
C SER A 56 -4.76 -16.73 12.91
N THR A 57 -4.02 -15.62 12.77
CA THR A 57 -4.64 -14.30 12.73
C THR A 57 -4.75 -13.81 11.28
N VAL A 58 -5.94 -13.37 10.92
CA VAL A 58 -6.22 -12.93 9.56
C VAL A 58 -6.99 -11.59 9.62
N ALA A 59 -7.13 -10.97 8.46
CA ALA A 59 -7.88 -9.74 8.35
C ALA A 59 -9.08 -10.07 7.48
N VAL A 60 -10.26 -9.63 7.87
CA VAL A 60 -11.47 -9.95 7.14
C VAL A 60 -12.05 -8.67 6.54
N LYS A 61 -12.15 -8.61 5.22
CA LYS A 61 -12.88 -7.54 4.53
C LYS A 61 -14.38 -7.87 4.44
N MET A 62 -15.22 -6.89 4.76
CA MET A 62 -16.68 -7.09 4.73
C MET A 62 -17.37 -5.74 4.48
N LEU A 63 -18.68 -5.76 4.29
CA LEU A 63 -19.37 -4.48 4.02
C LEU A 63 -19.63 -3.76 5.35
N LYS A 64 -20.01 -2.49 5.22
CA LYS A 64 -20.51 -1.68 6.36
C LYS A 64 -21.99 -2.04 6.55
N ASP A 65 -22.60 -1.60 7.65
CA ASP A 65 -24.03 -1.93 7.86
C ASP A 65 -24.91 -1.12 6.90
N ASN A 66 -24.46 0.04 6.46
CA ASN A 66 -25.26 0.85 5.51
C ASN A 66 -24.87 0.52 4.07
N ALA A 67 -24.69 -0.76 3.69
CA ALA A 67 -24.18 -1.08 2.35
C ALA A 67 -25.24 -1.05 1.25
N SER A 68 -24.85 -0.48 0.11
CA SER A 68 -25.69 -0.44 -1.10
C SER A 68 -25.36 -1.65 -1.97
N ASP A 69 -26.11 -1.83 -3.06
CA ASP A 69 -25.83 -2.97 -3.96
C ASP A 69 -24.55 -2.68 -4.73
N LYS A 70 -24.19 -1.41 -4.87
CA LYS A 70 -22.92 -1.07 -5.56
C LYS A 70 -21.77 -1.49 -4.64
N ASP A 71 -21.92 -1.19 -3.35
CA ASP A 71 -20.94 -1.53 -2.29
C ASP A 71 -20.64 -3.03 -2.37
N LEU A 72 -21.69 -3.83 -2.43
CA LEU A 72 -21.56 -5.29 -2.54
C LEU A 72 -20.88 -5.72 -3.84
N ALA A 73 -21.33 -5.12 -4.95
CA ALA A 73 -20.70 -5.32 -6.26
C ALA A 73 -19.20 -5.02 -6.20
N ASP A 74 -18.81 -3.92 -5.56
CA ASP A 74 -17.40 -3.55 -5.49
C ASP A 74 -16.59 -4.56 -4.64
N LEU A 75 -17.18 -5.01 -3.55
CA LEU A 75 -16.48 -5.98 -2.73
C LEU A 75 -16.37 -7.32 -3.48
N VAL A 76 -17.44 -7.74 -4.16
CA VAL A 76 -17.39 -8.97 -4.96
C VAL A 76 -16.35 -8.87 -6.06
N SER A 77 -16.31 -7.73 -6.72
CA SER A 77 -15.28 -7.48 -7.73
C SER A 77 -13.86 -7.58 -7.14
N GLU A 78 -13.66 -7.02 -5.95
CA GLU A 78 -12.34 -7.12 -5.32
C GLU A 78 -11.99 -8.58 -5.04
N MET A 79 -12.98 -9.33 -4.57
CA MET A 79 -12.82 -10.74 -4.31
C MET A 79 -12.38 -11.46 -5.57
N GLU A 80 -13.03 -11.16 -6.69
CA GLU A 80 -12.71 -11.90 -7.90
C GLU A 80 -11.30 -11.49 -8.39
N VAL A 81 -10.93 -10.23 -8.21
CA VAL A 81 -9.53 -9.85 -8.55
C VAL A 81 -8.48 -10.63 -7.73
N MET A 82 -8.69 -10.71 -6.42
CA MET A 82 -7.80 -11.44 -5.53
C MET A 82 -7.65 -12.90 -5.94
N LYS A 83 -8.76 -13.50 -6.36
CA LYS A 83 -8.73 -14.91 -6.76
C LYS A 83 -7.77 -15.10 -7.93
N LEU A 84 -7.78 -14.14 -8.84
CA LEU A 84 -6.99 -14.18 -10.07
C LEU A 84 -5.52 -13.73 -9.93
N ILE A 85 -5.21 -12.92 -8.94
CA ILE A 85 -3.84 -12.32 -8.85
C ILE A 85 -2.77 -13.34 -8.45
N GLY A 86 -3.10 -14.35 -7.64
CA GLY A 86 -2.08 -15.34 -7.26
C GLY A 86 -1.31 -14.94 -6.03
N ARG A 87 -0.33 -15.73 -5.61
CA ARG A 87 0.39 -15.47 -4.33
C ARG A 87 1.72 -14.75 -4.57
N HIS A 88 2.00 -13.73 -3.77
CA HIS A 88 3.32 -13.06 -3.81
C HIS A 88 3.66 -12.60 -2.41
N LYS A 89 4.92 -12.75 -2.05
CA LYS A 89 5.38 -12.34 -0.74
C LYS A 89 5.06 -10.90 -0.42
N ASN A 90 5.06 -10.03 -1.43
CA ASN A 90 4.97 -8.60 -1.17
C ASN A 90 3.61 -7.99 -1.52
N ILE A 91 2.57 -8.83 -1.52
CA ILE A 91 1.19 -8.31 -1.53
C ILE A 91 0.39 -8.94 -0.41
N ILE A 92 -0.72 -8.29 -0.03
CA ILE A 92 -1.70 -8.89 0.89
C ILE A 92 -2.44 -9.98 0.09
N ASN A 93 -2.22 -11.24 0.46
CA ASN A 93 -2.77 -12.37 -0.29
C ASN A 93 -4.15 -12.80 0.17
N LEU A 94 -4.97 -13.25 -0.78
CA LEU A 94 -6.27 -13.86 -0.47
C LEU A 94 -6.09 -15.19 0.29
N LEU A 95 -6.86 -15.42 1.35
CA LEU A 95 -6.76 -16.68 2.08
C LEU A 95 -8.04 -17.53 1.92
N GLY A 96 -9.19 -16.88 1.94
CA GLY A 96 -10.43 -17.62 1.72
C GLY A 96 -11.54 -16.59 1.64
N VAL A 97 -12.77 -17.09 1.44
CA VAL A 97 -13.98 -16.27 1.37
C VAL A 97 -15.13 -16.94 2.11
N CYS A 98 -16.11 -16.16 2.54
CA CYS A 98 -17.34 -16.73 3.14
C CYS A 98 -18.47 -16.13 2.35
N THR A 99 -19.11 -16.93 1.51
CA THR A 99 -20.13 -16.44 0.62
C THR A 99 -21.49 -17.09 0.88
N GLN A 100 -21.49 -18.17 1.66
CA GLN A 100 -22.69 -18.98 1.87
C GLN A 100 -23.30 -18.71 3.22
N GLU A 101 -24.62 -18.50 3.21
CA GLU A 101 -25.43 -18.49 4.41
C GLU A 101 -24.91 -17.49 5.45
N GLY A 102 -24.83 -16.23 5.05
CA GLY A 102 -24.31 -15.18 5.90
C GLY A 102 -23.63 -14.10 5.06
N PRO A 103 -23.11 -13.06 5.75
CA PRO A 103 -22.53 -11.92 5.06
C PRO A 103 -21.23 -12.25 4.30
N LEU A 104 -20.98 -11.48 3.23
CA LEU A 104 -19.77 -11.67 2.43
C LEU A 104 -18.52 -11.31 3.21
N TYR A 105 -17.61 -12.28 3.35
CA TYR A 105 -16.31 -12.06 3.95
C TYR A 105 -15.21 -12.38 2.95
N VAL A 106 -14.25 -11.48 2.81
CA VAL A 106 -13.06 -11.75 1.99
C VAL A 106 -11.89 -11.79 2.98
N ILE A 107 -11.30 -12.97 3.19
CA ILE A 107 -10.32 -13.18 4.23
C ILE A 107 -8.94 -13.10 3.63
N VAL A 108 -8.11 -12.18 4.17
CA VAL A 108 -6.80 -11.90 3.61
C VAL A 108 -5.74 -11.94 4.73
N GLU A 109 -4.47 -11.80 4.37
CA GLU A 109 -3.41 -11.88 5.34
C GLU A 109 -3.50 -10.65 6.28
N CYS A 110 -3.14 -10.83 7.53
CA CYS A 110 -3.09 -9.68 8.45
C CYS A 110 -1.63 -9.20 8.55
N ALA A 111 -1.44 -7.89 8.58
CA ALA A 111 -0.10 -7.29 8.68
C ALA A 111 0.03 -6.62 10.03
N ALA A 112 0.74 -7.30 10.92
CA ALA A 112 0.69 -7.03 12.36
C ALA A 112 1.17 -5.64 12.73
N LYS A 113 2.08 -5.04 11.93
CA LYS A 113 2.60 -3.73 12.29
C LYS A 113 1.88 -2.53 11.65
N GLY A 114 0.81 -2.78 10.91
CA GLY A 114 -0.01 -1.69 10.36
C GLY A 114 0.64 -1.05 9.12
N ASN A 115 0.18 0.12 8.68
CA ASN A 115 0.67 0.62 7.39
C ASN A 115 2.06 1.25 7.46
N LEU A 116 2.70 1.36 6.31
CA LEU A 116 4.10 1.80 6.27
C LEU A 116 4.30 3.27 6.66
N ARG A 117 3.33 4.12 6.35
CA ARG A 117 3.46 5.48 6.77
C ARG A 117 3.55 5.62 8.28
N GLU A 118 2.61 5.01 9.02
CA GLU A 118 2.67 5.13 10.49
C GLU A 118 3.88 4.35 11.05
N PHE A 119 4.24 3.25 10.38
CA PHE A 119 5.41 2.48 10.80
C PHE A 119 6.66 3.37 10.82
N LEU A 120 6.84 4.13 9.73
CA LEU A 120 7.98 5.05 9.65
C LEU A 120 7.85 6.21 10.65
N ARG A 121 6.65 6.77 10.75
CA ARG A 121 6.50 7.98 11.62
C ARG A 121 6.71 7.62 13.09
N ALA A 122 6.34 6.39 13.47
CA ALA A 122 6.53 5.94 14.85
C ALA A 122 7.98 5.62 15.17
N ARG A 123 8.81 5.55 14.13
CA ARG A 123 10.21 5.12 14.31
C ARG A 123 11.22 6.21 13.87
N ARG A 124 10.79 7.47 13.90
CA ARG A 124 11.73 8.53 13.58
C ARG A 124 12.76 8.62 14.69
N PRO A 125 13.98 9.05 14.35
CA PRO A 125 15.02 8.96 15.38
C PRO A 125 14.78 9.93 16.55
N PRO A 126 15.43 9.68 17.72
CA PRO A 126 15.32 10.63 18.84
C PRO A 126 15.84 12.02 18.40
N GLY A 127 15.12 13.06 18.81
CA GLY A 127 15.56 14.43 18.52
C GLY A 127 16.69 14.83 19.44
N PRO A 128 17.28 16.03 19.33
CA PRO A 128 18.39 16.44 20.19
C PRO A 128 18.00 16.83 21.63
N ASP A 129 16.71 16.85 21.95
CA ASP A 129 16.14 17.18 23.27
C ASP A 129 16.28 16.02 24.25
N LEU A 130 16.65 14.83 23.77
CA LEU A 130 16.74 13.59 24.57
C LEU A 130 18.02 13.53 25.39
N SER A 131 17.90 13.14 26.65
CA SER A 131 19.11 12.98 27.49
C SER A 131 19.77 11.65 27.13
N PRO A 132 21.10 11.62 26.93
CA PRO A 132 21.82 10.38 26.63
C PRO A 132 21.62 9.37 27.75
N ASP A 133 21.21 8.16 27.39
CA ASP A 133 20.98 7.12 28.35
C ASP A 133 21.54 5.81 27.79
N GLY A 134 22.76 5.46 28.19
CA GLY A 134 23.40 4.29 27.61
C GLY A 134 24.03 4.55 26.24
N PRO A 135 24.58 3.49 25.62
CA PRO A 135 25.39 3.49 24.40
C PRO A 135 24.66 3.82 23.08
N ARG A 136 23.34 3.75 23.01
CA ARG A 136 22.67 3.88 21.71
C ARG A 136 21.63 5.00 21.61
N SER A 137 21.69 5.98 22.50
CA SER A 137 20.64 7.01 22.62
C SER A 137 20.49 7.87 21.34
N SER A 138 21.49 7.81 20.47
CA SER A 138 21.44 8.49 19.19
C SER A 138 20.86 7.63 18.08
N GLU A 139 20.83 6.32 18.31
CA GLU A 139 20.50 5.36 17.27
C GLU A 139 19.00 5.11 17.21
N GLY A 140 18.34 5.62 16.18
CA GLY A 140 16.93 5.34 15.95
C GLY A 140 16.70 3.91 15.40
N PRO A 141 15.43 3.48 15.35
CA PRO A 141 15.20 2.12 14.85
C PRO A 141 15.48 1.97 13.37
N LEU A 142 15.36 3.06 12.60
CA LEU A 142 15.40 2.94 11.14
C LEU A 142 16.85 3.18 10.65
N SER A 143 17.37 2.30 9.81
CA SER A 143 18.69 2.48 9.21
C SER A 143 18.49 2.58 7.70
N PHE A 144 19.46 3.17 7.02
CA PHE A 144 19.36 3.36 5.57
C PHE A 144 19.11 2.02 4.81
N PRO A 145 19.83 0.94 5.17
CA PRO A 145 19.57 -0.26 4.36
C PRO A 145 18.15 -0.83 4.53
N VAL A 146 17.56 -0.65 5.70
CA VAL A 146 16.22 -1.16 5.93
C VAL A 146 15.24 -0.30 5.14
N LEU A 147 15.46 1.01 5.12
CA LEU A 147 14.62 1.90 4.27
C LEU A 147 14.71 1.49 2.81
N VAL A 148 15.93 1.28 2.29
CA VAL A 148 16.07 0.78 0.92
C VAL A 148 15.38 -0.56 0.71
N SER A 149 15.49 -1.46 1.69
CA SER A 149 14.81 -2.77 1.53
C SER A 149 13.28 -2.60 1.46
N CYS A 150 12.76 -1.67 2.23
CA CYS A 150 11.33 -1.34 2.15
C CYS A 150 10.90 -0.88 0.75
N ALA A 151 11.67 0.04 0.15
CA ALA A 151 11.38 0.48 -1.20
C ALA A 151 11.53 -0.67 -2.18
N TYR A 152 12.59 -1.47 -2.00
CA TYR A 152 12.82 -2.59 -2.89
C TYR A 152 11.65 -3.60 -2.87
N GLN A 153 11.14 -3.90 -1.68
CA GLN A 153 10.08 -4.85 -1.56
C GLN A 153 8.79 -4.35 -2.21
N VAL A 154 8.53 -3.07 -2.03
CA VAL A 154 7.32 -2.51 -2.65
C VAL A 154 7.42 -2.63 -4.15
N ALA A 155 8.60 -2.31 -4.70
CA ALA A 155 8.82 -2.42 -6.14
C ALA A 155 8.62 -3.83 -6.63
N ARG A 156 9.14 -4.82 -5.89
CA ARG A 156 8.96 -6.22 -6.31
C ARG A 156 7.50 -6.62 -6.30
N GLY A 157 6.79 -6.16 -5.28
CA GLY A 157 5.35 -6.42 -5.21
C GLY A 157 4.61 -5.77 -6.35
N MET A 158 5.03 -4.55 -6.71
CA MET A 158 4.38 -3.86 -7.83
C MET A 158 4.70 -4.52 -9.17
N GLN A 159 5.93 -4.99 -9.30
CA GLN A 159 6.32 -5.75 -10.46
C GLN A 159 5.48 -6.97 -10.65
N TYR A 160 5.25 -7.69 -9.57
CA TYR A 160 4.34 -8.84 -9.61
C TYR A 160 2.91 -8.41 -10.01
N LEU A 161 2.36 -7.39 -9.35
CA LEU A 161 1.01 -6.96 -9.71
C LEU A 161 0.92 -6.58 -11.21
N GLU A 162 1.92 -5.84 -11.74
CA GLU A 162 1.95 -5.47 -13.14
C GLU A 162 1.97 -6.72 -14.04
N SER A 163 2.77 -7.72 -13.69
CA SER A 163 2.86 -8.93 -14.52
C SER A 163 1.47 -9.62 -14.59
N ARG A 164 0.62 -9.40 -13.58
CA ARG A 164 -0.75 -9.93 -13.55
C ARG A 164 -1.74 -8.90 -14.09
N LYS A 165 -1.23 -7.87 -14.74
CA LYS A 165 -2.08 -6.87 -15.39
C LYS A 165 -3.01 -6.15 -14.40
N CYS A 166 -2.47 -5.90 -13.21
CA CYS A 166 -3.19 -5.17 -12.15
C CYS A 166 -2.59 -3.78 -11.97
N ILE A 167 -3.42 -2.77 -12.10
CA ILE A 167 -2.99 -1.39 -11.84
C ILE A 167 -3.51 -0.98 -10.46
N HIS A 168 -2.66 -0.40 -9.63
CA HIS A 168 -3.11 -0.11 -8.28
C HIS A 168 -4.02 1.14 -8.26
N ARG A 169 -3.51 2.24 -8.80
CA ARG A 169 -4.18 3.56 -8.92
C ARG A 169 -4.20 4.43 -7.67
N ASP A 170 -3.81 3.91 -6.52
CA ASP A 170 -3.56 4.80 -5.35
C ASP A 170 -2.40 4.22 -4.52
N LEU A 171 -1.29 3.99 -5.20
CA LEU A 171 -0.12 3.45 -4.50
C LEU A 171 0.46 4.56 -3.62
N ALA A 172 0.62 4.26 -2.32
CA ALA A 172 1.03 5.24 -1.31
C ALA A 172 1.50 4.44 -0.07
N ALA A 173 2.30 5.08 0.78
CA ALA A 173 2.81 4.45 2.01
C ALA A 173 1.66 3.90 2.85
N ARG A 174 0.53 4.60 2.86
CA ARG A 174 -0.65 4.18 3.66
C ARG A 174 -1.30 2.89 3.10
N ASN A 175 -1.08 2.57 1.84
CA ASN A 175 -1.60 1.35 1.19
C ASN A 175 -0.54 0.25 1.16
N VAL A 176 0.57 0.45 1.84
CA VAL A 176 1.54 -0.62 2.00
C VAL A 176 1.50 -1.02 3.47
N LEU A 177 1.39 -2.32 3.75
CA LEU A 177 1.34 -2.76 5.14
C LEU A 177 2.61 -3.58 5.52
N VAL A 178 2.87 -3.66 6.82
CA VAL A 178 4.13 -4.18 7.34
C VAL A 178 3.85 -5.37 8.23
N THR A 179 4.50 -6.49 7.99
CA THR A 179 4.22 -7.69 8.77
C THR A 179 5.09 -7.71 10.04
N GLU A 180 4.87 -8.71 10.90
CA GLU A 180 5.67 -8.84 12.11
C GLU A 180 7.15 -8.98 11.77
N ASP A 181 7.47 -9.44 10.56
CA ASP A 181 8.88 -9.51 10.16
C ASP A 181 9.37 -8.40 9.23
N ASN A 182 8.64 -7.29 9.23
CA ASN A 182 9.00 -6.13 8.41
C ASN A 182 8.98 -6.43 6.89
N VAL A 183 8.13 -7.35 6.49
CA VAL A 183 7.92 -7.63 5.08
C VAL A 183 6.87 -6.61 4.59
N MET A 184 7.17 -5.92 3.50
CA MET A 184 6.20 -4.99 2.90
C MET A 184 5.13 -5.75 2.10
N LYS A 185 3.86 -5.41 2.29
CA LYS A 185 2.82 -6.01 1.49
C LYS A 185 1.87 -4.96 0.95
N ILE A 186 1.80 -4.87 -0.37
CA ILE A 186 0.86 -3.96 -1.01
C ILE A 186 -0.61 -4.39 -0.75
N ALA A 187 -1.40 -3.43 -0.25
CA ALA A 187 -2.82 -3.69 0.08
C ALA A 187 -3.76 -2.95 -0.88
N ASP A 188 -5.00 -3.41 -0.99
CA ASP A 188 -6.05 -2.69 -1.70
C ASP A 188 -5.65 -2.43 -3.14
N PHE A 189 -5.02 -3.41 -3.77
CA PHE A 189 -4.65 -3.30 -5.18
C PHE A 189 -5.80 -3.61 -6.13
N GLY A 190 -6.77 -4.37 -5.66
CA GLY A 190 -7.82 -4.81 -6.57
C GLY A 190 -9.11 -3.99 -6.54
N LEU A 191 -8.99 -2.70 -6.29
CA LEU A 191 -10.19 -1.92 -5.95
C LEU A 191 -10.79 -1.15 -7.09
N ALA A 192 -12.11 -1.16 -7.11
CA ALA A 192 -12.90 -0.24 -7.90
C ALA A 192 -12.72 1.10 -7.25
N ARG A 193 -12.12 2.07 -7.92
CA ARG A 193 -11.80 3.30 -7.22
C ARG A 193 -12.55 4.55 -7.67
N GLY A 194 -13.55 4.40 -8.51
CA GLY A 194 -14.41 5.54 -8.85
C GLY A 194 -13.58 6.65 -9.46
N VAL A 195 -12.78 6.31 -10.47
CA VAL A 195 -11.80 7.26 -10.99
C VAL A 195 -12.46 8.38 -11.81
N HIS A 196 -13.76 8.21 -12.10
CA HIS A 196 -14.45 9.23 -12.89
C HIS A 196 -15.20 10.22 -12.01
N HIS A 197 -15.02 10.09 -10.70
CA HIS A 197 -15.65 11.02 -9.78
C HIS A 197 -14.79 11.20 -8.56
N ILE A 198 -13.53 11.56 -8.76
CA ILE A 198 -12.63 11.84 -7.62
C ILE A 198 -12.80 13.29 -7.14
N ASP A 199 -13.12 13.48 -5.86
CA ASP A 199 -13.06 14.83 -5.30
C ASP A 199 -11.59 15.18 -5.12
N TYR A 200 -10.98 15.99 -5.99
CA TYR A 200 -9.51 16.22 -5.88
C TYR A 200 -9.16 17.02 -4.63
N TYR A 201 -10.17 17.71 -4.07
CA TYR A 201 -9.92 18.49 -2.87
C TYR A 201 -10.12 17.67 -1.58
N LYS A 202 -10.48 16.41 -1.74
CA LYS A 202 -10.77 15.51 -0.62
C LYS A 202 -9.62 15.36 0.37
N LYS A 203 -9.86 15.65 1.65
CA LYS A 203 -8.84 15.44 2.68
C LYS A 203 -9.35 14.35 3.60
N THR A 204 -8.52 13.35 3.90
CA THR A 204 -9.03 12.24 4.72
C THR A 204 -9.10 12.61 6.19
N SER A 205 -9.62 11.68 7.01
CA SER A 205 -9.66 11.90 8.46
C SER A 205 -8.30 12.08 9.07
N ASN A 206 -7.27 11.51 8.44
CA ASN A 206 -5.91 11.70 8.91
C ASN A 206 -5.13 12.76 8.15
N GLY A 207 -5.83 13.58 7.35
CA GLY A 207 -5.17 14.71 6.73
C GLY A 207 -4.52 14.45 5.38
N ARG A 208 -4.78 13.29 4.78
CA ARG A 208 -4.15 12.94 3.50
C ARG A 208 -4.93 13.58 2.35
N LEU A 209 -4.20 14.08 1.36
CA LEU A 209 -4.76 14.55 0.09
C LEU A 209 -4.35 13.57 -1.03
N PRO A 210 -5.18 12.56 -1.33
CA PRO A 210 -4.76 11.50 -2.29
C PRO A 210 -4.36 11.98 -3.68
N VAL A 211 -4.84 13.16 -4.07
CA VAL A 211 -4.46 13.77 -5.37
C VAL A 211 -2.94 13.94 -5.47
N LYS A 212 -2.24 14.08 -4.34
CA LYS A 212 -0.79 14.29 -4.37
C LYS A 212 0.01 13.06 -4.78
N TRP A 213 -0.67 11.93 -4.94
CA TRP A 213 -0.05 10.70 -5.47
C TRP A 213 -0.38 10.38 -6.94
N MET A 214 -1.25 11.19 -7.55
CA MET A 214 -1.71 10.89 -8.89
C MET A 214 -0.72 11.38 -9.96
N ALA A 215 -0.40 10.49 -10.89
CA ALA A 215 0.39 10.85 -12.07
C ALA A 215 -0.36 11.92 -12.86
N PRO A 216 0.36 12.82 -13.56
CA PRO A 216 -0.30 13.91 -14.31
C PRO A 216 -1.33 13.39 -15.30
N GLU A 217 -1.00 12.30 -15.99
CA GLU A 217 -1.92 11.79 -16.99
C GLU A 217 -3.18 11.25 -16.30
N ALA A 218 -3.03 10.69 -15.09
CA ALA A 218 -4.22 10.31 -14.33
C ALA A 218 -5.01 11.56 -13.91
N LEU A 219 -4.38 12.47 -13.20
CA LEU A 219 -5.05 13.67 -12.74
C LEU A 219 -5.68 14.48 -13.90
N PHE A 220 -4.90 14.86 -14.92
CA PHE A 220 -5.41 15.73 -15.95
C PHE A 220 -6.18 14.98 -17.01
N ASP A 221 -5.81 13.75 -17.33
CA ASP A 221 -6.48 13.08 -18.46
C ASP A 221 -7.25 11.81 -18.14
N GLU A 222 -7.39 11.46 -16.85
CA GLU A 222 -8.04 10.22 -16.39
C GLU A 222 -7.50 8.94 -17.08
N VAL A 223 -6.23 8.99 -17.45
CA VAL A 223 -5.49 7.88 -18.07
C VAL A 223 -4.68 7.19 -16.97
N TYR A 224 -4.85 5.88 -16.78
CA TYR A 224 -4.02 5.09 -15.83
C TYR A 224 -3.34 3.98 -16.58
N THR A 225 -2.02 3.85 -16.38
CA THR A 225 -1.28 2.67 -16.80
C THR A 225 -0.36 2.23 -15.68
N HIS A 226 0.44 1.21 -15.94
CA HIS A 226 1.45 0.82 -14.94
C HIS A 226 2.46 1.95 -14.72
N GLN A 227 2.67 2.77 -15.74
CA GLN A 227 3.60 3.89 -15.63
C GLN A 227 3.02 4.99 -14.71
N SER A 228 1.70 5.06 -14.57
CA SER A 228 1.17 6.07 -13.65
C SER A 228 1.31 5.56 -12.21
N ASP A 229 1.23 4.24 -12.02
CA ASP A 229 1.65 3.67 -10.73
C ASP A 229 3.15 3.90 -10.42
N VAL A 230 3.99 3.92 -11.43
CA VAL A 230 5.44 4.24 -11.24
C VAL A 230 5.61 5.68 -10.68
N TRP A 231 4.90 6.65 -11.26
CA TRP A 231 4.83 7.98 -10.65
C TRP A 231 4.48 7.92 -9.18
N SER A 232 3.36 7.24 -8.82
CA SER A 232 2.96 7.10 -7.42
C SER A 232 4.08 6.44 -6.62
N PHE A 233 4.73 5.48 -7.21
CA PHE A 233 5.88 4.83 -6.54
C PHE A 233 6.95 5.86 -6.19
N GLY A 234 7.22 6.85 -7.08
CA GLY A 234 8.26 7.82 -6.73
C GLY A 234 7.83 8.67 -5.53
N ILE A 235 6.55 9.01 -5.51
CA ILE A 235 5.98 9.74 -4.36
C ILE A 235 6.18 8.88 -3.09
N LEU A 236 6.02 7.58 -3.23
CA LEU A 236 6.13 6.67 -2.08
C LEU A 236 7.60 6.57 -1.68
N LEU A 237 8.52 6.65 -2.65
CA LEU A 237 9.93 6.67 -2.30
C LEU A 237 10.19 7.90 -1.42
N TRP A 238 9.64 9.05 -1.81
CA TRP A 238 9.80 10.30 -1.04
C TRP A 238 9.24 10.13 0.39
N GLU A 239 8.05 9.51 0.51
CA GLU A 239 7.50 9.18 1.84
C GLU A 239 8.49 8.37 2.67
N ILE A 240 9.02 7.32 2.06
CA ILE A 240 9.97 6.47 2.81
C ILE A 240 11.16 7.27 3.31
N PHE A 241 11.77 8.06 2.43
CA PHE A 241 13.01 8.68 2.87
C PHE A 241 12.82 9.98 3.64
N THR A 242 11.56 10.39 3.81
CA THR A 242 11.24 11.42 4.81
C THR A 242 10.68 10.72 6.07
N LEU A 243 10.80 9.38 6.12
CA LEU A 243 10.25 8.62 7.26
C LEU A 243 8.78 8.95 7.54
N GLY A 244 7.96 8.90 6.49
CA GLY A 244 6.54 9.05 6.69
C GLY A 244 6.05 10.48 6.54
N GLY A 245 6.75 11.30 5.75
CA GLY A 245 6.35 12.68 5.56
C GLY A 245 5.23 12.83 4.55
N SER A 246 4.51 13.94 4.61
CA SER A 246 3.42 14.20 3.62
C SER A 246 3.98 14.97 2.44
N PRO A 247 3.69 14.50 1.22
CA PRO A 247 4.32 15.10 0.03
C PRO A 247 3.82 16.53 -0.29
N TYR A 248 4.58 17.26 -1.12
CA TYR A 248 4.31 18.66 -1.42
C TYR A 248 3.98 19.43 -0.15
N PRO A 249 4.96 19.48 0.79
CA PRO A 249 4.72 20.10 2.09
C PRO A 249 4.18 21.51 1.95
N GLY A 250 3.04 21.75 2.58
CA GLY A 250 2.47 23.08 2.69
C GLY A 250 1.73 23.53 1.44
N ILE A 251 1.68 22.66 0.43
CA ILE A 251 1.04 23.00 -0.84
C ILE A 251 -0.43 22.53 -0.86
N PRO A 252 -1.39 23.48 -0.85
CA PRO A 252 -2.78 23.01 -0.98
C PRO A 252 -3.11 22.59 -2.43
N VAL A 253 -4.25 21.92 -2.61
CA VAL A 253 -4.58 21.33 -3.90
C VAL A 253 -4.61 22.36 -5.05
N GLU A 254 -5.19 23.54 -4.82
CA GLU A 254 -5.31 24.54 -5.88
C GLU A 254 -3.90 24.84 -6.43
N GLU A 255 -2.93 24.91 -5.53
CA GLU A 255 -1.56 25.26 -5.90
C GLU A 255 -0.82 24.04 -6.48
N LEU A 256 -1.14 22.85 -6.00
CA LEU A 256 -0.64 21.63 -6.65
C LEU A 256 -0.98 21.64 -8.16
N PHE A 257 -2.25 21.94 -8.50
CA PHE A 257 -2.66 21.94 -9.93
C PHE A 257 -1.75 22.80 -10.79
N SER A 258 -1.47 24.02 -10.35
CA SER A 258 -0.69 24.89 -11.25
C SER A 258 0.80 24.56 -11.22
N LEU A 259 1.29 24.04 -10.08
CA LEU A 259 2.70 23.70 -9.96
C LEU A 259 2.94 22.52 -10.88
N LEU A 260 2.00 21.58 -10.92
CA LEU A 260 2.16 20.43 -11.83
C LEU A 260 2.06 20.87 -13.31
N ARG A 261 1.14 21.78 -13.60
CA ARG A 261 1.09 22.35 -14.96
C ARG A 261 2.42 23.04 -15.32
N GLU A 262 3.12 23.59 -14.33
CA GLU A 262 4.40 24.29 -14.55
C GLU A 262 5.58 23.30 -14.53
N GLY A 263 5.32 22.03 -14.24
CA GLY A 263 6.37 20.99 -14.21
C GLY A 263 7.16 20.94 -12.91
N HIS A 264 6.62 21.49 -11.83
CA HIS A 264 7.25 21.50 -10.49
C HIS A 264 7.37 20.06 -9.95
N ARG A 265 8.47 19.80 -9.26
CA ARG A 265 8.71 18.53 -8.59
C ARG A 265 9.15 18.84 -7.15
N MET A 266 8.99 17.88 -6.26
CA MET A 266 9.42 18.01 -4.88
C MET A 266 10.95 18.12 -4.83
N ASP A 267 11.42 18.92 -3.90
CA ASP A 267 12.84 19.05 -3.55
C ASP A 267 13.42 17.72 -3.08
N ARG A 268 14.72 17.59 -3.18
CA ARG A 268 15.41 16.48 -2.56
C ARG A 268 15.30 16.61 -1.02
N PRO A 269 14.84 15.56 -0.34
CA PRO A 269 14.64 15.78 1.10
C PRO A 269 15.94 15.56 1.90
N PRO A 270 15.98 16.00 3.17
CA PRO A 270 17.22 15.86 3.96
C PRO A 270 17.62 14.40 4.12
N HIS A 271 18.93 14.17 4.22
CA HIS A 271 19.53 12.86 4.43
C HIS A 271 18.98 11.83 3.47
N CYS A 272 19.05 12.18 2.20
CA CYS A 272 18.55 11.28 1.19
C CYS A 272 19.63 11.27 0.13
N PRO A 273 20.30 10.12 -0.09
CA PRO A 273 21.39 10.13 -1.07
C PRO A 273 20.87 10.48 -2.46
N PRO A 274 21.77 10.99 -3.30
CA PRO A 274 21.37 11.45 -4.63
C PRO A 274 20.89 10.28 -5.48
N GLU A 275 21.35 9.06 -5.20
CA GLU A 275 20.85 7.88 -5.90
C GLU A 275 19.31 7.79 -5.77
N LEU A 276 18.82 8.01 -4.56
CA LEU A 276 17.39 7.80 -4.33
C LEU A 276 16.57 8.98 -4.85
N TYR A 277 17.09 10.19 -4.66
CA TYR A 277 16.39 11.33 -5.27
C TYR A 277 16.41 11.23 -6.79
N GLY A 278 17.50 10.72 -7.35
CA GLY A 278 17.57 10.48 -8.80
C GLY A 278 16.44 9.57 -9.29
N LEU A 279 16.21 8.46 -8.58
CA LEU A 279 15.13 7.51 -8.90
C LEU A 279 13.77 8.18 -8.76
N MET A 280 13.59 8.97 -7.70
CA MET A 280 12.35 9.75 -7.56
C MET A 280 12.10 10.60 -8.81
N ARG A 281 13.11 11.39 -9.20
CA ARG A 281 12.92 12.29 -10.35
C ARG A 281 12.67 11.49 -11.63
N GLU A 282 13.26 10.32 -11.77
CA GLU A 282 12.96 9.47 -12.93
C GLU A 282 11.52 9.01 -12.97
N CYS A 283 11.01 8.68 -11.80
CA CYS A 283 9.61 8.25 -11.67
C CYS A 283 8.67 9.38 -11.98
N TRP A 284 9.15 10.63 -11.84
CA TRP A 284 8.28 11.79 -12.10
C TRP A 284 8.63 12.53 -13.44
N HIS A 285 9.33 11.85 -14.34
CA HIS A 285 9.44 12.39 -15.71
C HIS A 285 8.03 12.58 -16.29
N ALA A 286 7.85 13.65 -17.06
CA ALA A 286 6.55 14.01 -17.61
C ALA A 286 5.97 12.87 -18.48
N ALA A 287 6.81 12.34 -19.35
CA ALA A 287 6.40 11.31 -20.30
C ALA A 287 6.45 9.94 -19.63
N PRO A 288 5.31 9.24 -19.62
CA PRO A 288 5.22 7.99 -18.88
C PRO A 288 6.24 6.99 -19.41
N SER A 289 6.55 7.05 -20.71
CA SER A 289 7.53 6.11 -21.23
C SER A 289 8.96 6.52 -20.84
N GLN A 290 9.15 7.72 -20.28
CA GLN A 290 10.49 8.06 -19.82
C GLN A 290 10.73 7.78 -18.30
N ARG A 291 9.71 7.25 -17.61
CA ARG A 291 9.86 6.72 -16.26
C ARG A 291 10.36 5.30 -16.35
N PRO A 292 11.11 4.85 -15.33
CA PRO A 292 11.53 3.44 -15.32
C PRO A 292 10.31 2.53 -15.26
N THR A 293 10.50 1.28 -15.64
CA THR A 293 9.47 0.28 -15.31
C THR A 293 9.67 -0.25 -13.89
N PHE A 294 8.69 -0.98 -13.37
CA PHE A 294 8.88 -1.59 -12.06
C PHE A 294 10.02 -2.58 -12.12
N LYS A 295 10.15 -3.30 -13.22
CA LYS A 295 11.29 -4.21 -13.38
C LYS A 295 12.64 -3.46 -13.26
N GLN A 296 12.74 -2.32 -13.93
CA GLN A 296 13.94 -1.52 -13.84
C GLN A 296 14.11 -0.97 -12.41
N LEU A 297 13.01 -0.66 -11.74
CA LEU A 297 13.16 -0.09 -10.36
C LEU A 297 13.68 -1.17 -9.38
N VAL A 298 13.19 -2.38 -9.55
CA VAL A 298 13.58 -3.52 -8.71
C VAL A 298 15.08 -3.72 -8.85
N GLU A 299 15.59 -3.73 -10.07
CA GLU A 299 17.02 -3.90 -10.34
C GLU A 299 17.87 -2.76 -9.80
N ALA A 300 17.43 -1.53 -10.02
CA ALA A 300 18.15 -0.37 -9.51
C ALA A 300 18.22 -0.35 -7.98
N LEU A 301 17.09 -0.63 -7.32
CA LEU A 301 17.06 -0.64 -5.86
C LEU A 301 17.86 -1.83 -5.33
N ASP A 302 17.87 -2.90 -6.11
CA ASP A 302 18.66 -4.10 -5.70
C ASP A 302 20.15 -3.80 -5.69
N LYS A 303 20.60 -3.01 -6.67
CA LYS A 303 21.99 -2.57 -6.74
C LYS A 303 22.38 -1.76 -5.51
N VAL A 304 21.50 -0.88 -5.06
CA VAL A 304 21.80 -0.07 -3.90
C VAL A 304 21.75 -0.99 -2.67
N LEU A 305 20.74 -1.84 -2.62
CA LEU A 305 20.53 -2.64 -1.43
C LEU A 305 21.72 -3.58 -1.23
N LEU A 306 22.22 -4.18 -2.30
CA LEU A 306 23.43 -4.99 -2.21
C LEU A 306 24.70 -4.21 -1.89
N ALA A 307 24.82 -3.00 -2.42
CA ALA A 307 25.98 -2.16 -2.11
C ALA A 307 26.08 -1.77 -0.63
N VAL A 308 24.98 -1.88 0.10
CA VAL A 308 24.96 -1.30 1.45
C VAL A 308 24.61 -2.35 2.47
N SER A 309 24.49 -3.60 2.01
CA SER A 309 24.25 -4.75 2.91
C SER A 309 25.44 -5.73 3.10
N GLU A 310 26.66 -5.18 3.12
CA GLU A 310 27.93 -5.90 3.43
C GLU A 310 27.81 -7.13 4.32
#